data_5D8J
#
_entry.id   5D8J
#
_cell.length_a   71.499
_cell.length_b   66.040
_cell.length_c   75.678
_cell.angle_alpha   90.00
_cell.angle_beta   111.67
_cell.angle_gamma   90.00
#
_symmetry.space_group_name_H-M   'P 1 21 1'
#
loop_
_entity.id
_entity.type
_entity.pdbx_description
1 polymer 'Fatty acid-binding protein, adipocyte'
2 polymer 'HA3 Fab Heavy Chain'
3 polymer 'HA3 Fab Light Chain'
4 non-polymer 'SULFATE ION'
5 water water
#
loop_
_entity_poly.entity_id
_entity_poly.type
_entity_poly.pdbx_seq_one_letter_code
_entity_poly.pdbx_strand_id
1 'polypeptide(L)'
;GSMCDAFVGTWKLVSSENFDDYMKEVGVGFATRKVAGMAKPNMIISVNGDLVTIRSESTFKNTEISFKLGVEFDEITADD
RKVKSIITLDGGALVQVQKWDGKSTTIKRKRDGDKLVVECVMKGVTSTRVYERA
;
A
2 'polypeptide(L)'
;QVQLQQPGAELVKPGASVKLSCKASGYTFTSNWITWVKQRPGQGLEWIGDIYPGSGSTTNNEKFKSKATLTVDTSSSTAY
MQLSSLTSEDSAVYYCARLRGYYDYFDFWGQGTTLTVSSAKTTPPSVYPLAPGSAAQTNSMVTLGCLVKGYFPEPVTVTW
NSGSLSSGVHTFPAVLQSDLYTLSSSVTVPSSTWPSETVTCNVAHPASSTKVDKKIVPRDC
;
H
3 'polypeptide(L)'
;EVVLTQSPALMAASPGEKVTITCSVSSSISSSNLHWYQQKSETSPKPWIYGTSNLASGVPVRFSGSGSGTSYSLTISSME
AEDAATYYCQQWSHYPLTFGAGTKLELKRTDAAPTVSIFPPSSEQLTSGGASVVCFLNNFYPKDINVKWKIDGSERQNGV
LNSWTDQDSKDSTYSMSSTLTLTKDEYERHNSYTCEATHKTSTSPIVKSFNRNEC
;
L
#
# COMPACT_ATOMS: atom_id res chain seq x y z
N SER A 2 9.75 -21.98 55.00
CA SER A 2 9.71 -22.52 53.59
C SER A 2 9.79 -21.42 52.51
N MET A 3 8.65 -20.85 52.05
CA MET A 3 8.57 -19.73 51.04
C MET A 3 7.18 -19.66 50.36
N CYS A 4 7.08 -20.23 49.16
CA CYS A 4 5.93 -20.13 48.25
C CYS A 4 5.75 -21.54 47.64
N ASP A 5 5.94 -22.56 48.47
CA ASP A 5 6.30 -23.90 47.99
C ASP A 5 5.18 -24.80 47.41
N ALA A 6 3.92 -24.36 47.48
CA ALA A 6 2.81 -25.14 46.94
C ALA A 6 2.64 -24.95 45.42
N PHE A 7 3.34 -24.01 44.82
CA PHE A 7 3.27 -23.78 43.38
C PHE A 7 4.43 -24.41 42.64
N VAL A 8 5.46 -24.87 43.33
CA VAL A 8 6.71 -25.23 42.69
C VAL A 8 6.55 -26.58 41.99
N GLY A 9 6.97 -26.64 40.72
CA GLY A 9 6.82 -27.84 39.91
C GLY A 9 6.61 -27.51 38.46
N THR A 10 6.46 -28.57 37.66
CA THR A 10 6.11 -28.48 36.25
C THR A 10 4.63 -28.83 36.11
N TRP A 11 3.92 -27.93 35.43
CA TRP A 11 2.47 -28.03 35.25
C TRP A 11 2.14 -28.15 33.76
N LYS A 12 1.11 -28.93 33.42
CA LYS A 12 0.67 -29.08 32.00
C LYS A 12 -0.82 -28.83 31.85
N LEU A 13 -1.17 -28.08 30.81
CA LEU A 13 -2.55 -27.62 30.64
C LEU A 13 -3.49 -28.81 30.40
N VAL A 14 -4.60 -28.83 31.13
CA VAL A 14 -5.62 -29.86 31.01
C VAL A 14 -6.87 -29.36 30.31
N SER A 15 -7.28 -28.14 30.64
CA SER A 15 -8.50 -27.57 30.05
C SER A 15 -8.43 -26.06 30.10
N SER A 16 -8.81 -25.45 28.99
CA SER A 16 -8.93 -24.02 28.87
C SER A 16 -10.37 -23.69 28.54
N GLU A 17 -10.82 -22.52 28.98
CA GLU A 17 -12.14 -21.99 28.62
C GLU A 17 -12.13 -20.47 28.64
N ASN A 18 -12.84 -19.84 27.70
CA ASN A 18 -12.97 -18.38 27.57
C ASN A 18 -11.69 -17.64 27.22
N PHE A 19 -10.61 -18.33 26.89
CA PHE A 19 -9.32 -17.67 26.76
C PHE A 19 -9.23 -16.75 25.54
N ASP A 20 -9.87 -17.15 24.43
CA ASP A 20 -9.85 -16.36 23.20
C ASP A 20 -10.63 -15.11 23.47
N ASP A 21 -11.77 -15.26 24.15
CA ASP A 21 -12.62 -14.12 24.47
C ASP A 21 -11.99 -13.19 25.44
N TYR A 22 -11.22 -13.79 26.34
CA TYR A 22 -10.39 -13.04 27.25
C TYR A 22 -9.44 -12.14 26.48
N MET A 23 -8.82 -12.68 25.46
CA MET A 23 -7.88 -11.88 24.68
C MET A 23 -8.51 -10.81 23.79
N LYS A 24 -9.71 -11.09 23.29
CA LYS A 24 -10.57 -10.06 22.66
C LYS A 24 -10.77 -8.86 23.56
N GLU A 25 -11.11 -9.12 24.82
CA GLU A 25 -11.22 -8.05 25.82
C GLU A 25 -9.92 -7.37 26.17
N VAL A 26 -8.82 -8.14 26.18
CA VAL A 26 -7.47 -7.57 26.37
C VAL A 26 -7.04 -6.65 25.22
N GLY A 27 -7.71 -6.79 24.08
CA GLY A 27 -7.52 -5.96 22.89
C GLY A 27 -6.57 -6.58 21.89
N VAL A 28 -6.32 -7.88 22.00
CA VAL A 28 -5.29 -8.57 21.23
C VAL A 28 -5.82 -8.85 19.83
N GLY A 29 -4.96 -8.72 18.83
CA GLY A 29 -5.43 -8.76 17.42
C GLY A 29 -5.72 -10.18 17.00
N PHE A 30 -6.49 -10.35 15.92
CA PHE A 30 -6.88 -11.68 15.48
C PHE A 30 -5.72 -12.66 15.22
N ALA A 31 -4.67 -12.20 14.56
CA ALA A 31 -3.51 -13.02 14.25
C ALA A 31 -2.78 -13.53 15.50
N THR A 32 -2.67 -12.65 16.50
CA THR A 32 -2.00 -12.99 17.74
C THR A 32 -2.83 -13.91 18.61
N ARG A 33 -4.12 -13.64 18.67
CA ARG A 33 -5.07 -14.54 19.29
C ARG A 33 -5.05 -15.94 18.69
N LYS A 34 -4.84 -16.00 17.39
CA LYS A 34 -4.73 -17.29 16.74
C LYS A 34 -3.50 -18.06 17.22
N VAL A 35 -2.33 -17.43 17.25
CA VAL A 35 -1.09 -18.13 17.62
C VAL A 35 -1.08 -18.48 19.07
N ALA A 36 -1.52 -17.52 19.88
CA ALA A 36 -1.67 -17.73 21.29
C ALA A 36 -2.56 -18.95 21.64
N GLY A 37 -3.61 -19.22 20.84
CA GLY A 37 -4.49 -20.41 21.02
C GLY A 37 -4.06 -21.71 20.32
N MET A 38 -2.99 -21.66 19.55
CA MET A 38 -2.34 -22.89 19.10
C MET A 38 -1.54 -23.50 20.26
N ALA A 39 -0.86 -22.63 20.98
CA ALA A 39 0.08 -23.04 22.01
C ALA A 39 -0.67 -23.49 23.27
N LYS A 40 -0.32 -24.67 23.76
CA LYS A 40 -0.85 -25.18 25.01
C LYS A 40 0.37 -25.42 25.91
N PRO A 41 0.99 -24.33 26.40
CA PRO A 41 2.31 -24.47 27.02
C PRO A 41 2.36 -25.27 28.36
N ASN A 42 3.57 -25.70 28.74
CA ASN A 42 3.86 -26.20 30.07
C ASN A 42 4.38 -25.08 30.93
N MET A 43 3.79 -24.92 32.10
CA MET A 43 4.20 -23.91 33.03
C MET A 43 5.10 -24.55 34.08
N ILE A 44 6.28 -23.96 34.24
CA ILE A 44 7.32 -24.51 35.09
C ILE A 44 7.67 -23.46 36.14
N ILE A 45 7.43 -23.81 37.39
CA ILE A 45 7.61 -22.90 38.52
C ILE A 45 8.77 -23.35 39.43
N SER A 46 9.44 -22.36 40.02
CA SER A 46 10.68 -22.53 40.73
C SER A 46 11.00 -21.26 41.55
N VAL A 47 11.42 -21.45 42.80
CA VAL A 47 11.62 -20.35 43.78
C VAL A 47 13.01 -20.41 44.40
N ASN A 48 13.75 -19.31 44.29
CA ASN A 48 15.03 -19.15 45.00
C ASN A 48 15.05 -17.87 45.83
N GLY A 49 15.07 -18.03 47.16
CA GLY A 49 14.94 -16.92 48.08
C GLY A 49 13.58 -16.27 47.92
N ASP A 50 13.61 -14.94 47.83
CA ASP A 50 12.41 -14.18 47.58
C ASP A 50 12.11 -13.92 46.06
N LEU A 51 12.75 -14.65 45.14
CA LEU A 51 12.51 -14.49 43.69
C LEU A 51 11.81 -15.72 43.12
N VAL A 52 10.61 -15.52 42.57
CA VAL A 52 9.87 -16.59 41.95
C VAL A 52 10.01 -16.46 40.45
N THR A 53 9.99 -17.60 39.75
CA THR A 53 10.10 -17.66 38.30
C THR A 53 9.00 -18.58 37.73
N ILE A 54 8.28 -18.08 36.73
CA ILE A 54 7.30 -18.83 35.98
C ILE A 54 7.80 -18.82 34.55
N ARG A 55 7.96 -20.02 33.99
CA ARG A 55 8.47 -20.23 32.66
C ARG A 55 7.37 -20.91 31.86
N SER A 56 6.76 -20.18 30.92
CA SER A 56 5.80 -20.75 29.97
C SER A 56 6.66 -21.13 28.81
N GLU A 57 6.81 -22.44 28.60
CA GLU A 57 7.76 -22.98 27.64
C GLU A 57 7.00 -23.81 26.60
N SER A 58 7.05 -23.35 25.35
CA SER A 58 6.37 -23.99 24.23
C SER A 58 7.31 -24.07 23.03
N THR A 59 6.89 -24.85 22.04
CA THR A 59 7.51 -24.82 20.72
C THR A 59 7.64 -23.40 20.11
N PHE A 60 6.56 -22.62 20.16
CA PHE A 60 6.50 -21.31 19.51
C PHE A 60 7.18 -20.22 20.32
N LYS A 61 6.91 -20.19 21.62
CA LYS A 61 7.42 -19.13 22.49
C LYS A 61 7.85 -19.70 23.84
N ASN A 62 9.07 -19.33 24.26
CA ASN A 62 9.60 -19.53 25.62
C ASN A 62 9.69 -18.19 26.31
N THR A 63 8.69 -17.89 27.15
CA THR A 63 8.75 -16.77 28.06
C THR A 63 9.14 -17.26 29.47
N GLU A 64 9.45 -16.27 30.29
CA GLU A 64 9.99 -16.47 31.61
C GLU A 64 9.84 -15.10 32.28
N ILE A 65 9.12 -15.03 33.40
CA ILE A 65 9.10 -13.82 34.24
C ILE A 65 9.79 -14.16 35.54
N SER A 66 10.72 -13.31 35.98
CA SER A 66 11.33 -13.43 37.29
C SER A 66 10.97 -12.21 38.14
N PHE A 67 10.34 -12.47 39.29
CA PHE A 67 9.81 -11.40 40.11
C PHE A 67 10.05 -11.61 41.60
N LYS A 68 10.25 -10.49 42.32
CA LYS A 68 10.64 -10.46 43.72
C LYS A 68 9.44 -10.61 44.65
N LEU A 69 8.27 -10.11 44.22
CA LEU A 69 6.97 -10.28 44.92
C LEU A 69 6.70 -9.03 45.66
N GLY A 70 5.65 -8.33 45.23
CA GLY A 70 5.42 -6.93 45.60
C GLY A 70 6.23 -5.89 44.80
N VAL A 71 7.27 -6.30 44.05
CA VAL A 71 8.11 -5.35 43.32
C VAL A 71 7.68 -5.28 41.86
N GLU A 72 7.57 -4.05 41.35
CA GLU A 72 7.12 -3.87 39.97
C GLU A 72 8.24 -4.26 39.04
N PHE A 73 7.88 -5.02 38.00
CA PHE A 73 8.81 -5.40 36.95
C PHE A 73 8.17 -5.27 35.58
N ASP A 74 9.00 -4.97 34.60
CA ASP A 74 8.58 -4.93 33.20
C ASP A 74 8.49 -6.34 32.61
N GLU A 75 7.47 -6.54 31.78
CA GLU A 75 7.23 -7.82 31.17
C GLU A 75 6.82 -7.62 29.70
N ILE A 76 7.22 -8.59 28.86
CA ILE A 76 6.69 -8.76 27.51
C ILE A 76 5.83 -10.01 27.62
N THR A 77 4.53 -9.85 27.46
CA THR A 77 3.62 -10.98 27.63
C THR A 77 3.69 -11.90 26.42
N ALA A 78 3.19 -13.11 26.56
CA ALA A 78 3.13 -14.06 25.43
C ALA A 78 2.59 -13.41 24.18
N ASP A 79 1.44 -12.77 24.29
CA ASP A 79 0.77 -12.09 23.18
C ASP A 79 1.40 -10.77 22.66
N ASP A 80 2.59 -10.42 23.16
CA ASP A 80 3.42 -9.33 22.66
C ASP A 80 3.02 -7.98 23.18
N ARG A 81 2.66 -7.90 24.46
CA ARG A 81 2.42 -6.62 25.14
C ARG A 81 3.58 -6.21 25.98
N LYS A 82 3.76 -4.90 26.09
CA LYS A 82 4.78 -4.31 26.93
C LYS A 82 4.02 -3.88 28.18
N VAL A 83 4.24 -4.61 29.27
CA VAL A 83 3.46 -4.45 30.48
C VAL A 83 4.34 -4.15 31.68
N LYS A 84 3.73 -3.55 32.69
CA LYS A 84 4.28 -3.40 34.03
C LYS A 84 3.47 -4.29 34.93
N SER A 85 4.12 -5.25 35.59
CA SER A 85 3.41 -6.20 36.43
C SER A 85 3.86 -6.11 37.86
N ILE A 86 2.94 -6.48 38.75
CA ILE A 86 3.18 -6.55 40.18
C ILE A 86 2.53 -7.81 40.70
N ILE A 87 3.32 -8.63 41.41
CA ILE A 87 2.78 -9.89 41.93
C ILE A 87 2.73 -9.99 43.45
N THR A 88 1.55 -10.39 43.92
CA THR A 88 1.22 -10.44 45.32
C THR A 88 0.83 -11.87 45.69
N LEU A 89 1.10 -12.27 46.94
CA LEU A 89 0.66 -13.57 47.48
C LEU A 89 -0.38 -13.29 48.55
N ASP A 90 -1.63 -13.71 48.32
CA ASP A 90 -2.68 -13.49 49.32
C ASP A 90 -3.75 -14.59 49.38
N GLY A 91 -3.86 -15.25 50.54
CA GLY A 91 -4.84 -16.29 50.79
C GLY A 91 -4.49 -17.57 50.08
N GLY A 92 -3.18 -17.80 49.92
CA GLY A 92 -2.66 -18.95 49.17
C GLY A 92 -2.64 -18.77 47.65
N ALA A 93 -3.03 -17.58 47.18
CA ALA A 93 -3.10 -17.26 45.74
C ALA A 93 -2.08 -16.20 45.32
N LEU A 94 -1.51 -16.38 44.11
CA LEU A 94 -0.62 -15.39 43.47
C LEU A 94 -1.47 -14.56 42.56
N VAL A 95 -1.56 -13.26 42.88
CA VAL A 95 -2.30 -12.26 42.10
C VAL A 95 -1.31 -11.37 41.34
N GLN A 96 -1.33 -11.50 40.01
CA GLN A 96 -0.51 -10.71 39.10
C GLN A 96 -1.39 -9.71 38.48
N VAL A 97 -1.04 -8.44 38.58
CA VAL A 97 -1.75 -7.41 37.86
C VAL A 97 -0.80 -6.90 36.79
N GLN A 98 -1.31 -6.71 35.57
CA GLN A 98 -0.54 -6.16 34.47
C GLN A 98 -1.19 -4.88 33.99
N LYS A 99 -0.40 -3.82 33.80
CA LYS A 99 -0.89 -2.55 33.25
C LYS A 99 -0.16 -2.16 31.97
N TRP A 100 -0.90 -1.67 30.99
CA TRP A 100 -0.32 -1.21 29.73
C TRP A 100 -1.33 -0.35 29.00
N ASP A 101 -0.85 0.62 28.22
CA ASP A 101 -1.73 1.56 27.49
C ASP A 101 -3.00 1.93 28.26
N GLY A 102 -2.87 2.22 29.56
CA GLY A 102 -3.99 2.66 30.40
C GLY A 102 -5.00 1.57 30.72
N LYS A 103 -4.59 0.32 30.53
CA LYS A 103 -5.43 -0.84 30.75
C LYS A 103 -4.79 -1.72 31.82
N SER A 104 -5.59 -2.56 32.47
CA SER A 104 -5.14 -3.46 33.54
C SER A 104 -5.87 -4.77 33.42
N THR A 105 -5.12 -5.86 33.57
CA THR A 105 -5.74 -7.18 33.66
C THR A 105 -5.15 -7.90 34.86
N THR A 106 -5.87 -8.91 35.37
CA THR A 106 -5.40 -9.74 36.47
C THR A 106 -5.29 -11.20 36.10
N ILE A 107 -4.15 -11.78 36.50
CA ILE A 107 -3.87 -13.23 36.43
C ILE A 107 -3.69 -13.79 37.83
N LYS A 108 -4.71 -14.48 38.32
CA LYS A 108 -4.69 -15.08 39.66
C LYS A 108 -4.39 -16.57 39.53
N ARG A 109 -3.33 -17.05 40.20
CA ARG A 109 -2.93 -18.46 40.17
C ARG A 109 -3.08 -19.01 41.58
N LYS A 110 -3.82 -20.10 41.74
CA LYS A 110 -4.03 -20.74 43.05
C LYS A 110 -4.14 -22.26 42.87
N ARG A 111 -4.08 -22.99 43.98
CA ARG A 111 -4.30 -24.43 43.96
C ARG A 111 -5.76 -24.72 44.22
N ASP A 112 -6.27 -25.80 43.63
CA ASP A 112 -7.60 -26.26 44.00
C ASP A 112 -7.37 -27.44 44.92
N GLY A 113 -6.87 -28.53 44.37
CA GLY A 113 -6.35 -29.63 45.17
C GLY A 113 -5.07 -29.99 44.47
N ASP A 114 -5.09 -31.16 43.85
CA ASP A 114 -4.00 -31.69 43.06
C ASP A 114 -3.66 -30.85 41.83
N LYS A 115 -4.55 -29.92 41.51
CA LYS A 115 -4.49 -29.13 40.30
C LYS A 115 -4.17 -27.68 40.62
N LEU A 116 -3.65 -26.98 39.63
CA LEU A 116 -3.42 -25.56 39.72
C LEU A 116 -4.33 -24.85 38.75
N VAL A 117 -5.12 -23.91 39.27
CA VAL A 117 -6.03 -23.13 38.45
C VAL A 117 -5.47 -21.73 38.25
N VAL A 118 -5.40 -21.30 36.99
CA VAL A 118 -5.08 -19.92 36.61
C VAL A 118 -6.32 -19.27 36.02
N GLU A 119 -6.73 -18.17 36.62
CA GLU A 119 -7.79 -17.33 36.13
C GLU A 119 -7.22 -15.97 35.66
N CYS A 120 -7.53 -15.61 34.42
CA CYS A 120 -7.25 -14.29 33.90
C CYS A 120 -8.58 -13.54 33.79
N VAL A 121 -8.57 -12.28 34.24
CA VAL A 121 -9.77 -11.46 34.32
C VAL A 121 -9.52 -10.14 33.62
N MET A 122 -10.45 -9.76 32.74
CA MET A 122 -10.42 -8.48 32.06
C MET A 122 -11.83 -8.03 31.84
N LYS A 123 -12.22 -6.94 32.49
CA LYS A 123 -13.53 -6.32 32.29
C LYS A 123 -14.69 -7.32 32.36
N GLY A 124 -14.62 -8.15 33.39
CA GLY A 124 -15.64 -9.18 33.58
C GLY A 124 -15.70 -10.34 32.58
N VAL A 125 -14.69 -10.48 31.75
CA VAL A 125 -14.48 -11.75 31.11
C VAL A 125 -13.46 -12.48 31.97
N THR A 126 -13.82 -13.70 32.37
CA THR A 126 -12.88 -14.53 33.08
C THR A 126 -12.50 -15.70 32.22
N SER A 127 -11.20 -15.93 32.09
CA SER A 127 -10.66 -17.14 31.51
C SER A 127 -10.26 -18.05 32.63
N THR A 128 -10.38 -19.35 32.40
CA THR A 128 -10.00 -20.33 33.36
C THR A 128 -9.23 -21.43 32.65
N ARG A 129 -7.95 -21.53 33.02
CA ARG A 129 -7.10 -22.65 32.62
C ARG A 129 -6.74 -23.54 33.82
N VAL A 130 -6.87 -24.87 33.65
CA VAL A 130 -6.51 -25.84 34.69
C VAL A 130 -5.31 -26.68 34.27
N TYR A 131 -4.26 -26.69 35.10
CA TYR A 131 -3.10 -27.48 34.86
C TYR A 131 -3.09 -28.57 35.90
N GLU A 132 -2.51 -29.71 35.55
CA GLU A 132 -2.19 -30.77 36.51
C GLU A 132 -0.69 -30.96 36.50
N ARG A 133 -0.20 -31.81 37.38
CA ARG A 133 1.24 -32.08 37.43
C ARG A 133 1.72 -32.95 36.26
N ALA A 134 2.92 -32.63 35.76
CA ALA A 134 3.70 -33.50 34.89
C ALA A 134 4.50 -34.46 35.77
N GLN B 1 19.20 -4.65 10.38
CA GLN B 1 17.84 -4.07 10.56
C GLN B 1 16.78 -5.01 9.97
N VAL B 2 15.51 -4.76 10.27
CA VAL B 2 14.42 -5.69 9.87
C VAL B 2 14.11 -5.42 8.42
N GLN B 3 14.17 -6.45 7.58
CA GLN B 3 14.00 -6.27 6.13
C GLN B 3 13.47 -7.50 5.42
N LEU B 4 12.52 -7.25 4.53
CA LEU B 4 11.86 -8.26 3.71
C LEU B 4 12.18 -7.92 2.25
N GLN B 5 12.71 -8.88 1.51
CA GLN B 5 13.22 -8.59 0.18
C GLN B 5 12.33 -9.37 -0.81
N GLN B 6 11.83 -8.66 -1.79
CA GLN B 6 10.99 -9.22 -2.82
C GLN B 6 11.67 -8.89 -4.14
N PRO B 7 11.62 -9.78 -5.12
CA PRO B 7 12.06 -9.33 -6.44
C PRO B 7 11.20 -8.15 -6.97
N GLY B 8 11.78 -7.34 -7.85
CA GLY B 8 11.13 -6.13 -8.31
C GLY B 8 9.92 -6.35 -9.19
N ALA B 9 10.04 -7.26 -10.15
CA ALA B 9 9.02 -7.47 -11.15
C ALA B 9 9.04 -8.88 -11.70
N GLU B 10 7.87 -9.40 -12.04
CA GLU B 10 7.77 -10.76 -12.62
C GLU B 10 6.86 -10.74 -13.84
N LEU B 11 7.23 -11.51 -14.87
CA LEU B 11 6.46 -11.62 -16.10
C LEU B 11 6.05 -13.07 -16.29
N VAL B 12 4.74 -13.33 -16.37
CA VAL B 12 4.18 -14.69 -16.59
C VAL B 12 3.06 -14.65 -17.65
N LYS B 13 2.89 -15.73 -18.43
CA LYS B 13 1.81 -15.77 -19.45
C LYS B 13 0.47 -16.07 -18.78
N PRO B 14 -0.68 -15.66 -19.38
CA PRO B 14 -1.98 -16.07 -18.83
C PRO B 14 -2.18 -17.58 -18.80
N GLY B 15 -2.92 -18.06 -17.80
CA GLY B 15 -3.13 -19.50 -17.61
C GLY B 15 -2.05 -20.20 -16.81
N ALA B 16 -0.80 -19.72 -16.87
CA ALA B 16 0.30 -20.29 -16.09
C ALA B 16 0.17 -19.95 -14.60
N SER B 17 1.12 -20.43 -13.81
CA SER B 17 1.23 -20.15 -12.37
C SER B 17 2.57 -19.50 -12.02
N VAL B 18 2.65 -18.84 -10.87
CA VAL B 18 3.87 -18.17 -10.41
C VAL B 18 3.96 -18.15 -8.89
N LYS B 19 5.19 -18.25 -8.39
CA LYS B 19 5.47 -18.33 -6.95
C LYS B 19 6.39 -17.18 -6.54
N LEU B 20 5.89 -16.25 -5.72
CA LEU B 20 6.63 -15.04 -5.29
C LEU B 20 7.27 -15.16 -3.94
N SER B 21 8.39 -14.47 -3.75
CA SER B 21 9.18 -14.63 -2.53
C SER B 21 9.28 -13.36 -1.66
N CYS B 22 9.39 -13.61 -0.34
CA CYS B 22 9.72 -12.58 0.62
C CYS B 22 10.80 -13.03 1.59
N LYS B 23 12.05 -12.65 1.32
CA LYS B 23 13.16 -13.12 2.09
C LYS B 23 13.33 -12.21 3.29
N ALA B 24 13.32 -12.79 4.49
CA ALA B 24 13.45 -12.06 5.77
C ALA B 24 14.84 -12.15 6.43
N SER B 25 15.11 -11.15 7.25
CA SER B 25 16.42 -10.96 7.86
C SER B 25 16.29 -9.94 8.99
N GLY B 26 17.27 -9.90 9.89
CA GLY B 26 17.35 -8.89 10.94
C GLY B 26 16.43 -9.14 12.12
N TYR B 27 15.73 -10.29 12.12
CA TYR B 27 14.91 -10.71 13.26
C TYR B 27 14.59 -12.19 13.16
N THR B 28 14.27 -12.78 14.30
CA THR B 28 13.91 -14.21 14.32
C THR B 28 12.62 -14.50 13.51
N PHE B 29 12.82 -15.21 12.42
CA PHE B 29 11.81 -15.40 11.36
C PHE B 29 10.49 -16.01 11.80
N THR B 30 10.57 -17.04 12.63
CA THR B 30 9.38 -17.77 13.05
C THR B 30 8.51 -17.04 14.11
N SER B 31 9.02 -15.93 14.67
CA SER B 31 8.29 -15.19 15.72
C SER B 31 7.20 -14.20 15.19
N ASN B 32 7.11 -13.98 13.88
CA ASN B 32 6.15 -13.01 13.34
C ASN B 32 5.38 -13.54 12.14
N TRP B 33 4.08 -13.26 12.13
CA TRP B 33 3.21 -13.43 10.96
C TRP B 33 3.74 -12.63 9.79
N ILE B 34 3.52 -13.14 8.57
CA ILE B 34 3.89 -12.47 7.30
C ILE B 34 2.63 -12.36 6.49
N THR B 35 2.28 -11.16 6.09
CA THR B 35 1.08 -10.97 5.27
C THR B 35 1.34 -10.59 3.80
N TRP B 36 0.34 -10.80 2.95
CA TRP B 36 0.45 -10.45 1.56
C TRP B 36 -0.67 -9.50 1.18
N VAL B 37 -0.29 -8.43 0.49
CA VAL B 37 -1.24 -7.41 0.11
C VAL B 37 -1.11 -7.20 -1.38
N LYS B 38 -2.26 -7.15 -2.05
CA LYS B 38 -2.32 -6.90 -3.48
C LYS B 38 -2.76 -5.45 -3.71
N GLN B 39 -2.09 -4.79 -4.65
CA GLN B 39 -2.49 -3.44 -5.07
C GLN B 39 -2.42 -3.31 -6.60
N ARG B 40 -3.55 -2.94 -7.18
CA ARG B 40 -3.61 -2.67 -8.59
C ARG B 40 -3.34 -1.17 -8.84
N PRO B 41 -2.96 -0.83 -10.09
CA PRO B 41 -2.67 0.58 -10.35
C PRO B 41 -3.94 1.43 -10.27
N GLY B 42 -3.87 2.52 -9.51
CA GLY B 42 -5.03 3.40 -9.31
C GLY B 42 -5.82 3.02 -8.08
N GLN B 43 -6.09 1.72 -7.92
CA GLN B 43 -6.88 1.14 -6.81
C GLN B 43 -6.11 1.09 -5.45
N GLY B 44 -6.84 0.97 -4.34
CA GLY B 44 -6.29 0.70 -3.02
C GLY B 44 -5.83 -0.72 -2.69
N LEU B 45 -5.75 -1.02 -1.38
CA LEU B 45 -5.03 -2.20 -0.87
C LEU B 45 -5.93 -3.42 -0.58
N GLU B 46 -5.45 -4.60 -0.96
CA GLU B 46 -6.18 -5.84 -0.87
C GLU B 46 -5.41 -6.85 -0.05
N TRP B 47 -6.05 -7.47 0.94
CA TRP B 47 -5.40 -8.45 1.79
C TRP B 47 -5.67 -9.82 1.26
N ILE B 48 -4.61 -10.62 1.18
CA ILE B 48 -4.70 -11.99 0.68
C ILE B 48 -4.65 -12.97 1.83
N GLY B 49 -3.56 -12.93 2.60
CA GLY B 49 -3.41 -13.83 3.71
C GLY B 49 -2.29 -13.50 4.67
N ASP B 50 -2.26 -14.27 5.76
CA ASP B 50 -1.22 -14.28 6.75
C ASP B 50 -0.68 -15.69 6.80
N ILE B 51 0.62 -15.82 7.02
CA ILE B 51 1.22 -17.13 7.36
C ILE B 51 2.12 -16.98 8.60
N TYR B 52 2.11 -17.98 9.47
CA TYR B 52 3.00 -18.00 10.61
C TYR B 52 4.15 -18.91 10.30
N PRO B 53 5.28 -18.33 9.89
CA PRO B 53 6.47 -19.17 9.79
C PRO B 53 6.73 -19.90 11.13
N GLY B 54 7.24 -21.10 11.08
CA GLY B 54 7.44 -21.82 12.30
C GLY B 54 6.34 -22.83 12.51
N SER B 55 5.08 -22.44 12.23
CA SER B 55 3.99 -23.41 12.07
C SER B 55 3.55 -23.63 10.61
N GLY B 56 3.61 -22.60 9.77
CA GLY B 56 3.04 -22.67 8.42
C GLY B 56 1.53 -22.61 8.35
N SER B 57 0.87 -22.43 9.49
CA SER B 57 -0.56 -22.17 9.54
C SER B 57 -0.92 -20.86 8.82
N THR B 58 -2.08 -20.83 8.19
CA THR B 58 -2.53 -19.63 7.46
C THR B 58 -3.91 -19.12 7.86
N THR B 59 -4.06 -17.83 7.66
CA THR B 59 -5.33 -17.18 7.66
C THR B 59 -5.47 -16.56 6.27
N ASN B 60 -6.63 -16.65 5.67
CA ASN B 60 -6.78 -16.28 4.26
C ASN B 60 -8.05 -15.53 3.97
N ASN B 61 -8.02 -14.71 2.93
CA ASN B 61 -9.19 -14.07 2.43
C ASN B 61 -10.00 -15.09 1.61
N GLU B 62 -11.31 -15.10 1.84
CA GLU B 62 -12.24 -15.97 1.11
C GLU B 62 -12.34 -15.57 -0.38
N LYS B 63 -12.06 -14.30 -0.69
CA LYS B 63 -12.01 -13.81 -2.08
C LYS B 63 -10.85 -14.41 -2.90
N PHE B 64 -9.76 -14.81 -2.24
CA PHE B 64 -8.56 -15.34 -2.92
C PHE B 64 -8.30 -16.86 -2.81
N LYS B 65 -9.30 -17.63 -2.41
CA LYS B 65 -9.15 -19.06 -2.08
C LYS B 65 -8.49 -19.90 -3.20
N SER B 66 -9.04 -19.80 -4.40
CA SER B 66 -8.48 -20.50 -5.54
C SER B 66 -7.12 -19.98 -5.93
N LYS B 67 -6.94 -18.67 -5.82
CA LYS B 67 -5.78 -18.01 -6.44
C LYS B 67 -4.49 -18.20 -5.70
N ALA B 68 -4.52 -17.94 -4.41
CA ALA B 68 -3.31 -17.75 -3.65
C ALA B 68 -3.13 -18.87 -2.68
N THR B 69 -1.88 -19.26 -2.46
CA THR B 69 -1.54 -20.34 -1.52
C THR B 69 -0.23 -20.00 -0.86
N LEU B 70 -0.26 -19.89 0.48
CA LEU B 70 0.89 -19.43 1.21
C LEU B 70 1.63 -20.58 1.85
N THR B 71 2.96 -20.50 1.82
CA THR B 71 3.90 -21.46 2.36
C THR B 71 5.16 -20.72 2.84
N VAL B 72 6.06 -21.41 3.52
CA VAL B 72 7.35 -20.85 3.93
C VAL B 72 8.46 -21.87 3.85
N ASP B 73 9.69 -21.42 3.72
CA ASP B 73 10.81 -22.29 4.01
C ASP B 73 11.64 -21.65 5.08
N THR B 74 11.57 -22.20 6.29
CA THR B 74 12.33 -21.67 7.42
C THR B 74 13.87 -21.78 7.26
N SER B 75 14.37 -22.83 6.59
CA SER B 75 15.81 -22.97 6.39
C SER B 75 16.40 -21.79 5.63
N SER B 76 15.64 -21.34 4.65
CA SER B 76 16.01 -20.21 3.79
C SER B 76 15.64 -18.86 4.41
N SER B 77 14.68 -18.90 5.33
CA SER B 77 14.10 -17.75 5.96
C SER B 77 13.21 -17.00 4.99
N THR B 78 12.47 -17.76 4.16
CA THR B 78 11.66 -17.17 3.09
C THR B 78 10.17 -17.47 3.20
N ALA B 79 9.34 -16.51 2.77
CA ALA B 79 7.91 -16.73 2.55
C ALA B 79 7.58 -16.76 1.05
N TYR B 80 6.60 -17.59 0.67
CA TYR B 80 6.19 -17.74 -0.73
C TYR B 80 4.69 -17.66 -0.87
N MET B 81 4.24 -16.94 -1.89
CA MET B 81 2.86 -17.00 -2.28
C MET B 81 2.73 -17.39 -3.75
N GLN B 82 1.99 -18.45 -3.96
CA GLN B 82 1.80 -19.02 -5.26
C GLN B 82 0.43 -18.57 -5.77
N LEU B 83 0.43 -18.02 -6.98
CA LEU B 83 -0.78 -17.65 -7.68
C LEU B 83 -0.90 -18.61 -8.84
N SER B 84 -2.12 -18.80 -9.34
CA SER B 84 -2.38 -19.83 -10.38
C SER B 84 -3.51 -19.42 -11.30
N SER B 85 -3.57 -20.05 -12.48
CA SER B 85 -4.65 -19.80 -13.46
C SER B 85 -4.69 -18.32 -13.80
N LEU B 86 -3.53 -17.79 -14.12
CA LEU B 86 -3.32 -16.37 -14.15
C LEU B 86 -4.12 -15.68 -15.25
N THR B 87 -4.66 -14.51 -14.92
CA THR B 87 -5.34 -13.64 -15.89
C THR B 87 -4.75 -12.23 -15.78
N SER B 88 -5.14 -11.35 -16.70
CA SER B 88 -4.81 -9.92 -16.62
C SER B 88 -5.15 -9.29 -15.27
N GLU B 89 -6.25 -9.74 -14.65
CA GLU B 89 -6.66 -9.28 -13.33
C GLU B 89 -5.64 -9.49 -12.21
N ASP B 90 -4.63 -10.31 -12.47
CA ASP B 90 -3.56 -10.54 -11.52
C ASP B 90 -2.31 -9.66 -11.74
N SER B 91 -2.37 -8.71 -12.67
CA SER B 91 -1.27 -7.76 -12.88
C SER B 91 -1.37 -6.61 -11.88
N ALA B 92 -0.46 -6.64 -10.92
CA ALA B 92 -0.53 -5.76 -9.79
C ALA B 92 0.80 -5.80 -9.07
N VAL B 93 0.90 -4.96 -8.04
CA VAL B 93 2.03 -4.97 -7.15
C VAL B 93 1.66 -5.78 -5.93
N TYR B 94 2.53 -6.69 -5.52
CA TYR B 94 2.29 -7.53 -4.36
C TYR B 94 3.29 -7.24 -3.29
N TYR B 95 2.78 -6.79 -2.15
CA TYR B 95 3.60 -6.46 -1.01
C TYR B 95 3.48 -7.59 0.01
N CYS B 96 4.62 -7.96 0.57
CA CYS B 96 4.65 -8.79 1.75
C CYS B 96 5.04 -7.90 2.95
N ALA B 97 4.51 -8.20 4.12
CA ALA B 97 4.80 -7.41 5.29
C ALA B 97 4.93 -8.28 6.50
N ARG B 98 5.76 -7.82 7.43
CA ARG B 98 5.85 -8.39 8.76
C ARG B 98 4.82 -7.76 9.66
N LEU B 99 4.11 -8.61 10.35
CA LEU B 99 3.10 -8.19 11.27
C LEU B 99 3.65 -8.12 12.70
N ARG B 100 3.19 -7.11 13.44
CA ARG B 100 3.56 -6.86 14.84
C ARG B 100 2.45 -7.32 15.80
N GLY B 101 2.85 -8.18 16.73
CA GLY B 101 1.93 -8.90 17.61
C GLY B 101 1.26 -7.97 18.59
N TYR B 102 0.07 -8.38 19.05
CA TYR B 102 -0.91 -7.55 19.80
C TYR B 102 -0.98 -6.27 19.06
N TYR B 103 -2.12 -5.83 18.60
CA TYR B 103 -2.17 -4.64 17.75
C TYR B 103 -2.36 -5.20 16.38
N ASP B 104 -1.38 -5.94 15.93
CA ASP B 104 -1.48 -6.62 14.64
C ASP B 104 -1.57 -5.62 13.47
N TYR B 105 -0.49 -4.86 13.38
CA TYR B 105 -0.27 -3.90 12.34
C TYR B 105 1.02 -4.26 11.65
N PHE B 106 1.21 -3.76 10.44
CA PHE B 106 2.39 -4.08 9.66
C PHE B 106 3.52 -3.05 9.78
N ASP B 107 4.52 -3.37 10.59
CA ASP B 107 5.64 -2.45 10.85
C ASP B 107 6.72 -2.40 9.78
N PHE B 108 6.96 -3.55 9.14
CA PHE B 108 7.91 -3.63 8.02
C PHE B 108 7.30 -4.19 6.74
N TRP B 109 7.66 -3.58 5.61
CA TRP B 109 7.16 -3.97 4.29
C TRP B 109 8.30 -4.20 3.31
N GLY B 110 8.15 -5.20 2.48
CA GLY B 110 9.03 -5.35 1.32
C GLY B 110 8.61 -4.31 0.30
N GLN B 111 9.52 -3.89 -0.58
CA GLN B 111 9.10 -3.24 -1.83
C GLN B 111 8.16 -4.25 -2.49
N GLY B 112 7.34 -3.76 -3.41
CA GLY B 112 6.40 -4.65 -4.07
C GLY B 112 7.13 -5.50 -5.09
N THR B 113 6.49 -6.58 -5.50
CA THR B 113 6.89 -7.24 -6.73
C THR B 113 5.79 -6.90 -7.73
N THR B 114 6.15 -6.22 -8.81
CA THR B 114 5.22 -5.86 -9.84
C THR B 114 5.04 -7.08 -10.72
N LEU B 115 3.91 -7.75 -10.58
CA LEU B 115 3.65 -8.90 -11.43
C LEU B 115 2.95 -8.39 -12.65
N THR B 116 3.37 -8.90 -13.80
CA THR B 116 2.72 -8.64 -15.06
C THR B 116 2.38 -9.97 -15.70
N VAL B 117 1.11 -10.17 -16.00
CA VAL B 117 0.64 -11.35 -16.73
C VAL B 117 0.25 -10.87 -18.14
N SER B 118 0.95 -11.36 -19.17
CA SER B 118 0.71 -10.92 -20.55
C SER B 118 1.22 -11.92 -21.58
N SER B 119 0.56 -11.98 -22.75
CA SER B 119 1.07 -12.79 -23.90
C SER B 119 2.45 -12.31 -24.44
N ALA B 120 2.95 -11.20 -23.91
CA ALA B 120 4.41 -11.00 -23.73
C ALA B 120 5.02 -10.68 -25.05
N LYS B 121 6.35 -10.77 -25.11
CA LYS B 121 7.14 -10.74 -26.32
C LYS B 121 7.79 -9.35 -26.40
N THR B 122 9.10 -9.36 -26.18
CA THR B 122 9.93 -8.16 -26.22
C THR B 122 9.73 -7.49 -27.57
N THR B 123 9.18 -6.30 -27.50
CA THR B 123 8.84 -5.53 -28.66
C THR B 123 9.43 -4.15 -28.36
N PRO B 124 10.23 -3.61 -29.28
CA PRO B 124 10.73 -2.27 -29.04
C PRO B 124 9.64 -1.25 -29.32
N PRO B 125 9.84 0.03 -28.95
CA PRO B 125 8.82 1.03 -29.24
C PRO B 125 8.96 1.63 -30.64
N SER B 126 7.83 2.04 -31.21
CA SER B 126 7.84 2.97 -32.36
C SER B 126 7.78 4.39 -31.78
N VAL B 127 8.70 5.24 -32.22
CA VAL B 127 8.80 6.59 -31.72
C VAL B 127 8.36 7.57 -32.80
N TYR B 128 7.30 8.31 -32.52
CA TYR B 128 6.80 9.25 -33.47
C TYR B 128 6.98 10.62 -32.86
N PRO B 129 7.37 11.61 -33.66
CA PRO B 129 7.37 12.97 -33.22
C PRO B 129 5.98 13.69 -33.37
N LEU B 130 5.70 14.61 -32.45
CA LEU B 130 4.48 15.44 -32.42
C LEU B 130 4.91 16.89 -32.51
N ALA B 131 4.68 17.47 -33.69
CA ALA B 131 4.83 18.90 -33.95
C ALA B 131 3.45 19.53 -34.03
N PRO B 132 3.37 20.88 -33.91
CA PRO B 132 2.05 21.57 -34.04
C PRO B 132 1.41 21.50 -35.43
N GLY B 133 0.51 22.43 -35.77
CA GLY B 133 -0.07 22.55 -37.13
C GLY B 133 -0.15 23.98 -37.64
N THR B 138 1.21 29.54 -32.44
CA THR B 138 1.11 29.23 -31.03
C THR B 138 1.36 30.49 -30.17
N ASN B 139 2.55 30.65 -29.60
CA ASN B 139 2.72 31.51 -28.41
C ASN B 139 4.23 31.76 -28.30
N SER B 140 4.62 32.49 -27.27
CA SER B 140 6.01 32.65 -26.76
C SER B 140 6.69 31.31 -26.42
N MET B 141 5.86 30.41 -25.91
CA MET B 141 6.21 29.11 -25.47
C MET B 141 5.52 28.18 -26.43
N VAL B 142 6.18 27.11 -26.83
CA VAL B 142 5.65 26.12 -27.78
C VAL B 142 5.78 24.72 -27.18
N THR B 143 4.66 24.03 -27.03
CA THR B 143 4.65 22.61 -26.65
C THR B 143 4.85 21.68 -27.85
N LEU B 144 5.77 20.75 -27.68
CA LEU B 144 6.02 19.67 -28.60
C LEU B 144 5.78 18.35 -27.87
N GLY B 145 5.99 17.24 -28.57
CA GLY B 145 5.84 15.94 -27.93
C GLY B 145 6.39 14.81 -28.78
N CYS B 146 6.53 13.64 -28.16
CA CYS B 146 6.67 12.42 -28.92
C CYS B 146 5.86 11.27 -28.33
N LEU B 147 5.44 10.37 -29.22
CA LEU B 147 4.58 9.24 -28.94
C LEU B 147 5.39 7.97 -29.03
N VAL B 148 5.42 7.25 -27.92
CA VAL B 148 6.22 6.03 -27.79
C VAL B 148 5.23 4.88 -27.72
N LYS B 149 5.11 4.13 -28.83
CA LYS B 149 3.96 3.29 -29.06
C LYS B 149 4.30 1.81 -29.15
N GLY B 150 3.44 1.01 -28.54
CA GLY B 150 3.45 -0.43 -28.67
C GLY B 150 4.79 -1.06 -28.38
N TYR B 151 5.27 -0.81 -27.17
CA TYR B 151 6.59 -1.24 -26.76
C TYR B 151 6.68 -2.46 -25.83
N PHE B 152 5.58 -3.08 -25.45
CA PHE B 152 5.58 -4.02 -24.35
C PHE B 152 6.61 -3.78 -23.18
N PRO B 153 7.62 -4.68 -22.98
CA PRO B 153 8.17 -4.88 -21.58
C PRO B 153 7.79 -3.79 -20.52
N GLU B 154 8.47 -2.65 -20.44
CA GLU B 154 8.40 -1.65 -19.32
C GLU B 154 9.66 -1.83 -18.52
N PRO B 155 10.41 -0.77 -18.25
CA PRO B 155 10.10 0.61 -18.56
C PRO B 155 10.66 1.12 -19.90
N VAL B 156 10.37 2.40 -20.18
CA VAL B 156 11.15 3.21 -21.16
C VAL B 156 11.59 4.48 -20.51
N THR B 157 12.72 5.02 -20.97
CA THR B 157 13.32 6.23 -20.42
C THR B 157 13.34 7.29 -21.53
N VAL B 158 12.34 8.17 -21.49
CA VAL B 158 12.26 9.30 -22.40
C VAL B 158 13.06 10.47 -21.82
N THR B 159 13.98 10.99 -22.60
CA THR B 159 14.67 12.23 -22.28
C THR B 159 14.60 13.13 -23.52
N TRP B 160 14.85 14.42 -23.33
CA TRP B 160 14.81 15.38 -24.40
C TRP B 160 16.16 16.10 -24.47
N ASN B 161 16.74 16.19 -25.66
CA ASN B 161 18.05 16.79 -25.90
C ASN B 161 19.17 16.24 -25.01
N SER B 162 19.16 14.91 -24.91
CA SER B 162 20.02 14.14 -24.02
C SER B 162 20.01 14.69 -22.60
N GLY B 163 18.82 14.90 -22.06
CA GLY B 163 18.67 15.41 -20.70
C GLY B 163 18.68 16.92 -20.52
N SER B 164 19.22 17.65 -21.50
CA SER B 164 19.38 19.12 -21.48
C SER B 164 18.13 19.90 -21.12
N LEU B 165 17.03 19.50 -21.77
CA LEU B 165 15.66 19.93 -21.53
C LEU B 165 14.99 18.97 -20.56
N SER B 166 14.68 19.45 -19.36
CA SER B 166 14.33 18.58 -18.25
C SER B 166 13.08 19.08 -17.53
N SER B 167 13.13 20.31 -17.00
CA SER B 167 11.98 20.94 -16.33
C SER B 167 11.06 21.29 -17.43
N GLY B 168 9.76 21.34 -17.18
CA GLY B 168 8.79 21.54 -18.31
C GLY B 168 8.72 20.38 -19.32
N VAL B 169 9.00 19.18 -18.83
CA VAL B 169 8.80 17.91 -19.53
C VAL B 169 7.79 17.20 -18.69
N HIS B 170 6.92 16.44 -19.34
CA HIS B 170 5.99 15.55 -18.68
C HIS B 170 6.03 14.24 -19.47
N THR B 171 6.58 13.19 -18.88
CA THR B 171 6.46 11.89 -19.49
C THR B 171 5.34 11.17 -18.76
N PHE B 172 4.27 10.90 -19.48
CA PHE B 172 3.06 10.37 -18.89
C PHE B 172 3.15 8.85 -18.67
N PRO B 173 2.31 8.34 -17.76
CA PRO B 173 2.40 6.93 -17.48
C PRO B 173 1.72 6.08 -18.53
N ALA B 174 2.33 4.93 -18.84
CA ALA B 174 1.92 4.08 -19.98
C ALA B 174 0.60 3.35 -19.74
N VAL B 175 -0.14 3.08 -20.80
CA VAL B 175 -1.39 2.29 -20.70
C VAL B 175 -1.17 1.05 -21.54
N LEU B 176 -1.75 -0.09 -21.13
CA LEU B 176 -1.77 -1.28 -21.98
C LEU B 176 -2.95 -1.22 -22.87
N GLN B 177 -2.70 -1.12 -24.16
CA GLN B 177 -3.76 -0.90 -25.14
C GLN B 177 -4.39 -2.24 -25.44
N SER B 178 -3.54 -3.17 -25.88
CA SER B 178 -3.99 -4.52 -26.13
C SER B 178 -3.10 -5.35 -25.25
N ASP B 179 -1.96 -5.77 -25.77
CA ASP B 179 -0.92 -6.40 -24.99
C ASP B 179 0.40 -5.65 -25.19
N LEU B 180 0.31 -4.36 -25.51
CA LEU B 180 1.47 -3.46 -25.59
C LEU B 180 1.22 -2.16 -24.85
N TYR B 181 2.32 -1.52 -24.49
CA TYR B 181 2.32 -0.25 -23.78
C TYR B 181 2.51 0.92 -24.77
N THR B 182 1.92 2.05 -24.41
CA THR B 182 2.02 3.31 -25.15
C THR B 182 2.00 4.41 -24.13
N LEU B 183 2.79 5.45 -24.35
CA LEU B 183 2.90 6.55 -23.41
C LEU B 183 3.28 7.72 -24.28
N SER B 184 3.09 8.92 -23.76
CA SER B 184 3.52 10.17 -24.42
C SER B 184 4.40 11.02 -23.54
N SER B 185 5.18 11.87 -24.19
CA SER B 185 6.01 12.83 -23.49
C SER B 185 5.69 14.20 -24.11
N SER B 186 5.63 15.23 -23.26
CA SER B 186 5.45 16.57 -23.74
C SER B 186 6.61 17.41 -23.22
N VAL B 187 7.19 18.23 -24.10
CA VAL B 187 8.17 19.26 -23.68
C VAL B 187 7.67 20.61 -24.13
N THR B 188 7.99 21.65 -23.37
CA THR B 188 7.73 23.05 -23.79
C THR B 188 9.06 23.82 -23.87
N VAL B 189 9.20 24.59 -24.95
CA VAL B 189 10.43 25.30 -25.31
C VAL B 189 10.09 26.65 -25.94
N PRO B 190 11.02 27.58 -25.96
CA PRO B 190 10.65 28.90 -26.51
C PRO B 190 10.58 28.98 -28.04
N SER B 191 9.67 29.77 -28.59
CA SER B 191 9.62 29.95 -30.05
C SER B 191 10.89 30.56 -30.62
N SER B 192 11.54 31.44 -29.88
CA SER B 192 12.89 31.91 -30.20
C SER B 192 13.89 30.75 -30.46
N THR B 193 13.96 29.78 -29.55
CA THR B 193 14.69 28.52 -29.76
C THR B 193 14.29 27.73 -31.05
N TRP B 194 13.01 27.42 -31.21
CA TRP B 194 12.54 26.41 -32.16
C TRP B 194 11.72 27.05 -33.29
N PRO B 195 11.92 26.67 -34.56
CA PRO B 195 12.61 25.47 -34.98
C PRO B 195 14.11 25.59 -35.23
N SER B 196 14.64 26.79 -35.19
CA SER B 196 16.05 27.04 -35.54
C SER B 196 16.97 26.14 -34.76
N GLU B 197 16.79 26.11 -33.44
CA GLU B 197 17.48 25.16 -32.57
C GLU B 197 16.64 23.90 -32.50
N THR B 198 17.28 22.74 -32.69
CA THR B 198 16.52 21.49 -32.87
C THR B 198 16.04 20.90 -31.53
N VAL B 199 14.88 20.24 -31.56
CA VAL B 199 14.43 19.47 -30.42
C VAL B 199 14.33 17.98 -30.80
N THR B 200 14.95 17.15 -29.98
CA THR B 200 15.01 15.71 -30.15
C THR B 200 14.51 14.99 -28.91
N CYS B 201 13.85 13.88 -29.13
CA CYS B 201 13.21 13.07 -28.10
C CYS B 201 14.00 11.76 -28.06
N ASN B 202 14.61 11.43 -26.92
CA ASN B 202 15.51 10.25 -26.79
C ASN B 202 14.90 9.15 -25.91
N VAL B 203 14.57 8.03 -26.53
CA VAL B 203 13.85 6.96 -25.85
C VAL B 203 14.74 5.74 -25.80
N ALA B 204 14.86 5.16 -24.63
CA ALA B 204 15.68 3.99 -24.44
C ALA B 204 14.83 2.92 -23.79
N HIS B 205 14.77 1.76 -24.43
CA HIS B 205 14.01 0.61 -23.93
C HIS B 205 15.00 -0.48 -23.52
N PRO B 206 15.36 -0.55 -22.22
CA PRO B 206 16.33 -1.52 -21.76
C PRO B 206 16.08 -2.95 -22.30
N ALA B 207 14.83 -3.43 -22.22
CA ALA B 207 14.49 -4.82 -22.57
C ALA B 207 14.95 -5.21 -23.97
N SER B 208 14.84 -4.34 -24.96
CA SER B 208 15.40 -4.67 -26.31
C SER B 208 16.80 -4.10 -26.64
N SER B 209 17.40 -3.39 -25.68
CA SER B 209 18.69 -2.74 -25.88
C SER B 209 18.70 -1.65 -26.97
N THR B 210 17.54 -1.04 -27.21
CA THR B 210 17.32 -0.09 -28.31
C THR B 210 17.26 1.34 -27.81
N LYS B 211 18.03 2.23 -28.46
CA LYS B 211 18.04 3.67 -28.13
C LYS B 211 17.78 4.41 -29.43
N VAL B 212 16.80 5.31 -29.41
CA VAL B 212 16.22 5.92 -30.62
C VAL B 212 16.17 7.45 -30.47
N ASP B 213 16.25 8.20 -31.57
CA ASP B 213 16.16 9.66 -31.50
C ASP B 213 15.22 10.19 -32.55
N LYS B 214 14.27 11.06 -32.16
CA LYS B 214 13.44 11.72 -33.14
C LYS B 214 13.61 13.20 -33.04
N LYS B 215 14.21 13.78 -34.09
CA LYS B 215 14.23 15.19 -34.26
C LYS B 215 12.81 15.60 -34.50
N ILE B 216 12.29 16.54 -33.70
CA ILE B 216 10.94 17.10 -33.91
C ILE B 216 11.09 18.13 -35.02
N VAL B 217 10.70 17.71 -36.22
CA VAL B 217 10.78 18.54 -37.40
C VAL B 217 9.40 19.16 -37.48
N PRO B 218 9.34 20.44 -37.86
CA PRO B 218 8.01 20.99 -38.02
C PRO B 218 7.29 20.64 -39.29
N ARG B 219 6.02 20.99 -39.24
CA ARG B 219 5.39 21.77 -40.28
C ARG B 219 5.18 23.23 -39.71
N ASP B 220 4.96 23.36 -38.38
CA ASP B 220 4.89 24.66 -37.65
C ASP B 220 6.19 24.97 -36.89
N GLU C 1 -18.25 -8.95 7.98
CA GLU C 1 -17.03 -8.14 7.64
C GLU C 1 -17.13 -6.71 8.23
N VAL C 2 -16.06 -6.25 8.88
CA VAL C 2 -15.98 -4.86 9.41
C VAL C 2 -15.59 -3.92 8.28
N VAL C 3 -16.55 -3.16 7.78
CA VAL C 3 -16.29 -2.18 6.71
C VAL C 3 -15.77 -0.86 7.27
N LEU C 4 -14.62 -0.44 6.78
CA LEU C 4 -13.98 0.83 7.14
C LEU C 4 -14.26 1.87 6.04
N THR C 5 -14.95 2.95 6.38
CA THR C 5 -15.29 4.03 5.44
C THR C 5 -14.43 5.25 5.78
N GLN C 6 -13.59 5.66 4.83
CA GLN C 6 -12.68 6.79 5.06
C GLN C 6 -13.18 8.04 4.38
N SER C 7 -13.32 9.13 5.13
CA SER C 7 -13.99 10.35 4.62
C SER C 7 -13.06 11.54 4.32
N PRO C 8 -13.52 12.44 3.41
CA PRO C 8 -12.84 12.81 2.22
C PRO C 8 -12.06 11.66 1.65
N ALA C 9 -12.53 11.12 0.55
CA ALA C 9 -11.71 10.29 -0.33
C ALA C 9 -10.54 11.08 -0.88
N LEU C 10 -10.72 12.38 -1.02
CA LEU C 10 -9.75 13.25 -1.66
C LEU C 10 -9.71 14.55 -0.91
N MET C 11 -8.51 15.06 -0.63
CA MET C 11 -8.42 16.25 0.22
C MET C 11 -7.21 17.11 -0.11
N ALA C 12 -7.41 18.43 -0.08
CA ALA C 12 -6.37 19.40 -0.38
C ALA C 12 -6.14 20.29 0.83
N ALA C 13 -4.87 20.51 1.17
CA ALA C 13 -4.51 21.32 2.32
C ALA C 13 -3.19 22.02 2.06
N SER C 14 -3.11 23.26 2.56
CA SER C 14 -2.00 24.16 2.29
C SER C 14 -1.06 24.05 3.49
N PRO C 15 0.28 24.15 3.28
CA PRO C 15 1.22 23.97 4.42
C PRO C 15 0.84 24.83 5.61
N GLY C 16 0.91 24.28 6.80
CA GLY C 16 0.46 24.97 7.99
C GLY C 16 -0.90 24.54 8.49
N GLU C 17 -1.81 24.20 7.58
CA GLU C 17 -3.22 23.96 7.96
C GLU C 17 -3.45 22.64 8.69
N LYS C 18 -4.48 22.68 9.55
CA LYS C 18 -4.89 21.54 10.38
C LYS C 18 -5.68 20.59 9.51
N VAL C 19 -5.49 19.29 9.73
CA VAL C 19 -6.03 18.29 8.83
C VAL C 19 -6.57 17.14 9.65
N THR C 20 -7.78 16.71 9.31
CA THR C 20 -8.42 15.57 9.96
C THR C 20 -9.06 14.70 8.90
N ILE C 21 -8.66 13.44 8.90
CA ILE C 21 -9.29 12.36 8.15
C ILE C 21 -10.04 11.54 9.16
N THR C 22 -11.18 10.96 8.76
CA THR C 22 -11.84 9.95 9.61
C THR C 22 -11.79 8.55 8.97
N CYS C 23 -11.70 7.53 9.82
CA CYS C 23 -11.93 6.13 9.45
C CYS C 23 -13.07 5.60 10.27
N SER C 24 -14.18 5.26 9.63
CA SER C 24 -15.45 5.03 10.32
C SER C 24 -15.84 3.56 10.10
N VAL C 25 -16.24 2.87 11.16
CA VAL C 25 -16.37 1.40 11.17
C VAL C 25 -17.83 0.89 11.19
N SER C 26 -18.14 -0.15 10.43
CA SER C 26 -19.50 -0.70 10.41
C SER C 26 -19.88 -1.49 11.68
N SER C 27 -18.87 -1.91 12.44
CA SER C 27 -19.09 -2.55 13.74
C SER C 27 -17.85 -2.41 14.65
N SER C 28 -18.09 -2.74 15.91
CA SER C 28 -17.15 -2.57 17.04
C SER C 28 -15.79 -3.21 16.79
N ILE C 29 -14.73 -2.45 17.03
CA ILE C 29 -13.39 -3.01 17.02
C ILE C 29 -12.65 -2.62 18.31
N SER C 30 -11.51 -3.25 18.53
CA SER C 30 -10.66 -2.90 19.65
C SER C 30 -9.75 -1.79 19.15
N SER C 31 -9.73 -0.68 19.86
CA SER C 31 -8.86 0.43 19.48
C SER C 31 -7.43 0.02 19.27
N SER C 32 -6.99 -1.03 19.97
CA SER C 32 -5.61 -1.50 19.80
C SER C 32 -5.31 -2.12 18.43
N ASN C 33 -6.33 -2.45 17.66
CA ASN C 33 -6.10 -3.06 16.36
C ASN C 33 -6.43 -2.17 15.14
N LEU C 34 -6.48 -0.85 15.34
CA LEU C 34 -6.73 0.09 14.27
C LEU C 34 -5.54 0.91 13.92
N HIS C 35 -5.17 0.85 12.67
CA HIS C 35 -3.88 1.32 12.21
C HIS C 35 -4.04 2.17 10.95
N TRP C 36 -3.13 3.13 10.76
CA TRP C 36 -3.05 3.98 9.59
C TRP C 36 -1.71 3.74 8.91
N TYR C 37 -1.72 3.71 7.58
CA TYR C 37 -0.50 3.66 6.77
C TYR C 37 -0.51 4.79 5.77
N GLN C 38 0.67 5.27 5.43
CA GLN C 38 0.83 6.37 4.49
C GLN C 38 1.55 5.80 3.32
N GLN C 39 1.04 6.03 2.12
CA GLN C 39 1.67 5.59 0.88
C GLN C 39 1.91 6.75 -0.04
N LYS C 40 3.12 6.78 -0.61
CA LYS C 40 3.47 7.77 -1.61
C LYS C 40 3.82 7.08 -2.91
N SER C 41 3.24 7.58 -4.01
CA SER C 41 3.63 7.23 -5.39
C SER C 41 3.55 5.72 -5.60
N GLU C 42 2.58 5.10 -4.92
CA GLU C 42 2.34 3.66 -4.94
C GLU C 42 3.59 2.78 -4.73
N THR C 43 4.54 3.28 -3.92
CA THR C 43 5.69 2.49 -3.47
C THR C 43 5.27 1.88 -2.13
N SER C 44 6.18 1.24 -1.41
CA SER C 44 5.74 0.42 -0.27
C SER C 44 5.11 1.30 0.76
N PRO C 45 3.86 1.03 1.13
CA PRO C 45 3.24 1.83 2.18
C PRO C 45 3.98 1.74 3.50
N LYS C 46 3.85 2.79 4.32
CA LYS C 46 4.52 2.88 5.60
C LYS C 46 3.54 2.89 6.76
N PRO C 47 3.86 2.16 7.84
CA PRO C 47 3.10 2.28 9.08
C PRO C 47 3.23 3.67 9.66
N TRP C 48 2.11 4.25 10.06
CA TRP C 48 2.09 5.64 10.48
C TRP C 48 1.63 5.77 11.93
N ILE C 49 0.38 5.39 12.17
CA ILE C 49 -0.19 5.30 13.49
C ILE C 49 -0.61 3.86 13.72
N TYR C 50 -0.23 3.23 14.85
CA TYR C 50 -0.82 1.94 15.26
C TYR C 50 -1.60 2.02 16.58
N GLY C 51 -2.47 1.07 16.83
CA GLY C 51 -3.38 1.12 17.96
C GLY C 51 -4.03 2.46 18.14
N THR C 52 -4.71 2.92 17.09
CA THR C 52 -5.51 4.16 17.08
C THR C 52 -4.69 5.47 17.25
N SER C 53 -3.66 5.46 18.12
CA SER C 53 -2.98 6.67 18.57
C SER C 53 -1.46 6.60 18.76
N ASN C 54 -0.81 5.50 18.39
CA ASN C 54 0.56 5.31 18.84
C ASN C 54 1.64 5.96 18.07
N LEU C 55 1.63 5.85 16.76
CA LEU C 55 2.60 6.65 15.99
C LEU C 55 3.95 5.94 15.86
N ALA C 56 4.27 5.56 14.63
CA ALA C 56 5.33 4.62 14.32
C ALA C 56 6.68 5.27 14.41
N SER C 57 7.73 4.47 14.28
CA SER C 57 9.08 5.01 14.50
C SER C 57 9.39 6.03 13.42
N GLY C 58 9.98 7.15 13.80
CA GLY C 58 10.34 8.18 12.84
C GLY C 58 9.18 8.92 12.20
N VAL C 59 7.95 8.71 12.68
CA VAL C 59 6.79 9.49 12.22
C VAL C 59 6.71 10.79 13.04
N PRO C 60 6.68 11.95 12.37
CA PRO C 60 6.75 13.22 13.11
C PRO C 60 5.67 13.46 14.17
N VAL C 61 5.92 14.45 14.99
CA VAL C 61 5.13 14.69 16.20
C VAL C 61 3.84 15.47 15.89
N ARG C 62 3.81 16.20 14.79
CA ARG C 62 2.61 16.91 14.30
C ARG C 62 1.41 16.02 14.05
N PHE C 63 1.69 14.78 13.66
CA PHE C 63 0.65 13.77 13.53
C PHE C 63 0.18 13.22 14.88
N SER C 64 -1.12 12.99 14.98
CA SER C 64 -1.66 12.26 16.13
C SER C 64 -2.83 11.49 15.64
N GLY C 65 -3.26 10.52 16.43
CA GLY C 65 -4.43 9.73 16.09
C GLY C 65 -5.43 9.66 17.22
N SER C 66 -6.70 9.58 16.87
CA SER C 66 -7.78 9.51 17.84
C SER C 66 -8.85 8.53 17.42
N GLY C 67 -9.67 8.13 18.38
CA GLY C 67 -10.67 7.10 18.15
C GLY C 67 -11.72 6.98 19.23
N SER C 68 -12.88 6.43 18.85
CA SER C 68 -14.02 6.17 19.77
C SER C 68 -15.18 5.40 19.05
N GLY C 69 -15.30 4.10 19.34
CA GLY C 69 -16.46 3.28 19.02
C GLY C 69 -16.86 3.25 17.55
N THR C 70 -17.63 4.25 17.15
CA THR C 70 -18.12 4.44 15.78
C THR C 70 -17.01 4.93 14.81
N SER C 71 -16.11 5.79 15.26
CA SER C 71 -15.17 6.52 14.39
C SER C 71 -13.77 6.56 14.96
N TYR C 72 -12.80 6.60 14.06
CA TYR C 72 -11.40 6.89 14.39
C TYR C 72 -10.93 7.98 13.44
N SER C 73 -9.85 8.66 13.80
CA SER C 73 -9.36 9.76 12.98
C SER C 73 -7.86 9.97 13.07
N LEU C 74 -7.35 10.65 12.05
CA LEU C 74 -5.97 11.01 11.97
C LEU C 74 -5.94 12.51 11.76
N THR C 75 -5.08 13.17 12.52
CA THR C 75 -4.95 14.59 12.48
C THR C 75 -3.50 14.99 12.29
N ILE C 76 -3.27 15.95 11.40
CA ILE C 76 -2.01 16.67 11.37
C ILE C 76 -2.27 18.02 11.97
N SER C 77 -1.41 18.45 12.88
CA SER C 77 -1.58 19.76 13.48
C SER C 77 -1.30 20.85 12.46
N SER C 78 -0.20 20.72 11.74
CA SER C 78 0.19 21.68 10.73
C SER C 78 0.81 21.01 9.50
N MET C 79 0.12 21.14 8.37
CA MET C 79 0.48 20.50 7.13
C MET C 79 1.87 20.87 6.68
N GLU C 80 2.62 19.87 6.23
CA GLU C 80 3.89 20.10 5.54
C GLU C 80 3.83 19.47 4.17
N ALA C 81 4.76 19.88 3.33
CA ALA C 81 4.74 19.47 1.93
C ALA C 81 4.95 17.97 1.80
N GLU C 82 5.87 17.44 2.60
CA GLU C 82 6.10 16.00 2.65
C GLU C 82 4.93 15.13 3.19
N ASP C 83 3.96 15.74 3.87
CA ASP C 83 2.75 15.02 4.32
C ASP C 83 1.72 14.71 3.23
N ALA C 84 1.84 15.32 2.06
CA ALA C 84 0.98 14.97 0.95
C ALA C 84 1.20 13.52 0.54
N ALA C 85 0.15 12.72 0.64
CA ALA C 85 0.24 11.27 0.52
C ALA C 85 -1.12 10.63 0.69
N THR C 86 -1.20 9.34 0.42
CA THR C 86 -2.43 8.57 0.49
C THR C 86 -2.41 7.72 1.78
N TYR C 87 -3.44 7.88 2.59
CA TYR C 87 -3.48 7.33 3.95
C TYR C 87 -4.60 6.31 4.12
N TYR C 88 -4.25 5.07 4.39
CA TYR C 88 -5.23 4.01 4.58
C TYR C 88 -5.26 3.61 6.05
N CYS C 89 -6.47 3.50 6.62
CA CYS C 89 -6.70 2.81 7.90
C CYS C 89 -6.99 1.35 7.57
N GLN C 90 -6.88 0.48 8.57
CA GLN C 90 -6.89 -0.99 8.44
C GLN C 90 -7.27 -1.52 9.79
N GLN C 91 -7.90 -2.69 9.81
CA GLN C 91 -8.41 -3.25 11.06
C GLN C 91 -8.01 -4.72 11.19
N TRP C 92 -7.52 -5.11 12.37
CA TRP C 92 -7.24 -6.54 12.62
C TRP C 92 -7.77 -7.08 13.96
N SER C 93 -8.92 -6.55 14.41
CA SER C 93 -9.60 -7.04 15.61
C SER C 93 -10.42 -8.30 15.32
N HIS C 94 -10.89 -8.45 14.09
CA HIS C 94 -11.90 -9.46 13.72
C HIS C 94 -11.72 -9.91 12.27
N TYR C 95 -12.01 -11.19 11.98
CA TYR C 95 -11.86 -11.76 10.61
C TYR C 95 -13.04 -11.35 9.78
N PRO C 96 -12.86 -10.98 8.51
CA PRO C 96 -11.56 -10.84 7.83
C PRO C 96 -10.86 -9.53 8.17
N LEU C 97 -9.54 -9.51 7.99
CA LEU C 97 -8.78 -8.25 8.04
C LEU C 97 -9.27 -7.38 6.89
N THR C 98 -9.65 -6.13 7.22
CA THR C 98 -10.12 -5.16 6.23
C THR C 98 -9.29 -3.90 6.17
N PHE C 99 -9.38 -3.26 5.01
CA PHE C 99 -8.84 -1.94 4.77
C PHE C 99 -10.00 -0.99 4.45
N GLY C 100 -9.71 0.30 4.63
CA GLY C 100 -10.51 1.38 4.04
C GLY C 100 -9.95 1.72 2.69
N ALA C 101 -10.67 2.50 1.92
CA ALA C 101 -10.28 2.79 0.52
C ALA C 101 -9.16 3.83 0.37
N GLY C 102 -8.73 4.43 1.47
CA GLY C 102 -7.81 5.57 1.45
C GLY C 102 -8.44 6.95 1.34
N THR C 103 -7.72 7.95 1.85
CA THR C 103 -7.92 9.34 1.42
C THR C 103 -6.59 9.90 0.88
N LYS C 104 -6.58 10.29 -0.38
CA LYS C 104 -5.43 10.99 -0.94
C LYS C 104 -5.37 12.41 -0.35
N LEU C 105 -4.20 12.81 0.10
CA LEU C 105 -3.97 14.16 0.50
C LEU C 105 -3.06 14.79 -0.53
N GLU C 106 -3.57 15.78 -1.24
CA GLU C 106 -2.79 16.58 -2.17
C GLU C 106 -2.42 17.93 -1.52
N LEU C 107 -1.44 18.61 -2.10
CA LEU C 107 -1.09 19.99 -1.74
C LEU C 107 -2.03 20.99 -2.39
N LYS C 108 -2.56 21.90 -1.60
CA LYS C 108 -3.41 22.98 -2.12
C LYS C 108 -2.53 24.07 -2.71
N ARG C 109 -2.97 24.58 -3.87
CA ARG C 109 -2.39 25.78 -4.49
C ARG C 109 -3.48 26.59 -5.17
N THR C 110 -3.08 27.77 -5.69
CA THR C 110 -3.94 28.65 -6.48
C THR C 110 -4.51 27.80 -7.65
N ASP C 111 -5.68 28.17 -8.18
CA ASP C 111 -6.16 27.52 -9.40
C ASP C 111 -5.30 27.90 -10.58
N ALA C 112 -5.13 26.95 -11.49
CA ALA C 112 -4.39 27.15 -12.71
C ALA C 112 -5.08 26.47 -13.88
N ALA C 113 -5.27 27.20 -14.99
CA ALA C 113 -5.83 26.66 -16.24
C ALA C 113 -4.84 25.79 -17.03
N PRO C 114 -5.36 24.81 -17.78
CA PRO C 114 -4.46 23.99 -18.57
C PRO C 114 -4.00 24.68 -19.86
N THR C 115 -2.75 24.40 -20.19
CA THR C 115 -2.24 24.62 -21.55
C THR C 115 -2.76 23.44 -22.40
N VAL C 116 -3.57 23.72 -23.42
CA VAL C 116 -4.09 22.66 -24.33
C VAL C 116 -3.25 22.68 -25.60
N SER C 117 -2.88 21.50 -26.10
CA SER C 117 -2.09 21.33 -27.34
C SER C 117 -2.62 20.10 -28.04
N ILE C 118 -2.95 20.22 -29.32
CA ILE C 118 -3.41 19.09 -30.09
C ILE C 118 -2.41 18.82 -31.19
N PHE C 119 -2.23 17.53 -31.46
CA PHE C 119 -1.16 17.01 -32.32
C PHE C 119 -1.61 16.01 -33.38
N PRO C 120 -1.49 16.37 -34.65
CA PRO C 120 -1.98 15.43 -35.66
C PRO C 120 -1.08 14.22 -35.84
N PRO C 121 -1.62 13.11 -36.39
CA PRO C 121 -0.78 11.96 -36.70
C PRO C 121 0.43 12.38 -37.49
N SER C 122 1.60 11.96 -37.03
CA SER C 122 2.85 12.22 -37.73
C SER C 122 2.88 11.43 -39.02
N SER C 123 3.58 11.94 -40.02
CA SER C 123 3.57 11.26 -41.30
C SER C 123 4.31 9.92 -41.20
N GLU C 124 5.20 9.82 -40.24
CA GLU C 124 5.83 8.54 -39.95
C GLU C 124 4.77 7.49 -39.55
N GLN C 125 3.85 7.88 -38.67
CA GLN C 125 2.83 6.96 -38.21
C GLN C 125 1.85 6.58 -39.31
N LEU C 126 1.49 7.58 -40.10
CA LEU C 126 0.59 7.37 -41.23
C LEU C 126 1.20 6.42 -42.24
N THR C 127 2.46 6.66 -42.57
CA THR C 127 3.27 5.77 -43.40
C THR C 127 3.36 4.33 -42.87
N SER C 128 3.57 4.22 -41.59
CA SER C 128 3.60 2.95 -40.91
C SER C 128 2.24 2.26 -40.84
N GLY C 129 1.16 3.02 -40.98
CA GLY C 129 -0.19 2.47 -41.10
C GLY C 129 -1.20 2.94 -40.07
N GLY C 130 -0.75 3.47 -38.94
CA GLY C 130 -1.67 3.84 -37.87
C GLY C 130 -2.03 5.29 -37.94
N ALA C 131 -2.60 5.80 -36.86
CA ALA C 131 -3.09 7.19 -36.78
C ALA C 131 -3.51 7.40 -35.33
N SER C 132 -2.62 8.03 -34.59
CA SER C 132 -2.87 8.42 -33.22
C SER C 132 -2.83 9.94 -33.10
N VAL C 133 -3.94 10.47 -32.61
CA VAL C 133 -4.07 11.88 -32.35
C VAL C 133 -3.94 12.11 -30.85
N VAL C 134 -3.12 13.08 -30.50
CA VAL C 134 -2.71 13.31 -29.13
C VAL C 134 -3.08 14.74 -28.76
N CYS C 135 -3.54 14.92 -27.52
CA CYS C 135 -3.80 16.26 -26.97
C CYS C 135 -3.19 16.32 -25.62
N PHE C 136 -2.36 17.32 -25.39
CA PHE C 136 -1.80 17.57 -24.06
C PHE C 136 -2.62 18.62 -23.36
N LEU C 137 -2.89 18.39 -22.07
CA LEU C 137 -3.54 19.35 -21.19
C LEU C 137 -2.61 19.52 -19.99
N ASN C 138 -1.81 20.58 -19.99
CA ASN C 138 -0.68 20.69 -19.06
C ASN C 138 -0.77 21.76 -17.98
N ASN C 139 -0.41 21.34 -16.77
CA ASN C 139 -0.10 22.20 -15.65
C ASN C 139 -1.27 22.97 -15.17
N PHE C 140 -2.20 22.25 -14.57
CA PHE C 140 -3.46 22.80 -14.13
C PHE C 140 -3.79 22.33 -12.75
N TYR C 141 -4.62 23.07 -12.04
CA TYR C 141 -5.10 22.66 -10.71
C TYR C 141 -6.51 23.18 -10.50
N PRO C 142 -7.44 22.39 -9.94
CA PRO C 142 -7.26 21.02 -9.43
C PRO C 142 -7.26 19.90 -10.46
N LYS C 143 -7.18 18.66 -9.97
CA LYS C 143 -7.12 17.46 -10.84
C LYS C 143 -8.39 17.20 -11.66
N ASP C 144 -9.54 17.73 -11.23
CA ASP C 144 -10.81 17.49 -11.91
C ASP C 144 -10.87 18.29 -13.22
N ILE C 145 -11.20 17.59 -14.31
CA ILE C 145 -11.18 18.15 -15.66
C ILE C 145 -11.90 17.20 -16.66
N ASN C 146 -12.61 17.75 -17.65
CA ASN C 146 -13.19 16.95 -18.77
C ASN C 146 -12.42 17.19 -20.05
N VAL C 147 -12.15 16.13 -20.80
CA VAL C 147 -11.51 16.22 -22.10
C VAL C 147 -12.46 15.63 -23.12
N LYS C 148 -12.86 16.42 -24.10
CA LYS C 148 -13.77 15.94 -25.14
C LYS C 148 -13.14 16.02 -26.51
N TRP C 149 -13.21 14.91 -27.25
CA TRP C 149 -12.79 14.85 -28.63
C TRP C 149 -14.02 14.96 -29.54
N LYS C 150 -14.04 15.96 -30.43
CA LYS C 150 -15.02 16.06 -31.50
C LYS C 150 -14.34 15.83 -32.84
N ILE C 151 -14.95 15.03 -33.70
CA ILE C 151 -14.52 14.88 -35.08
C ILE C 151 -15.62 15.36 -36.03
N ASP C 152 -15.26 16.30 -36.92
CA ASP C 152 -16.22 16.94 -37.82
C ASP C 152 -17.47 17.44 -37.06
N GLY C 153 -17.23 17.94 -35.84
CA GLY C 153 -18.27 18.61 -35.06
C GLY C 153 -19.19 17.74 -34.22
N SER C 154 -18.69 16.57 -33.79
CA SER C 154 -19.52 15.61 -33.03
C SER C 154 -18.69 14.64 -32.18
N GLU C 155 -19.12 14.43 -30.95
CA GLU C 155 -18.28 13.83 -29.92
C GLU C 155 -17.92 12.41 -30.24
N ARG C 156 -16.66 12.08 -30.03
CA ARG C 156 -16.13 10.71 -30.14
C ARG C 156 -15.56 10.33 -28.81
N GLN C 157 -16.15 9.31 -28.21
CA GLN C 157 -15.64 8.69 -27.03
C GLN C 157 -14.93 7.39 -27.34
N ASN C 158 -15.45 6.62 -28.31
CA ASN C 158 -14.81 5.38 -28.77
C ASN C 158 -13.28 5.56 -29.03
N GLY C 159 -12.47 4.80 -28.31
CA GLY C 159 -11.01 4.73 -28.54
C GLY C 159 -10.19 5.84 -27.91
N VAL C 160 -10.78 6.59 -26.99
CA VAL C 160 -10.06 7.63 -26.24
C VAL C 160 -9.39 6.98 -25.03
N LEU C 161 -8.09 7.25 -24.85
CA LEU C 161 -7.33 6.87 -23.64
C LEU C 161 -6.60 8.04 -22.95
N ASN C 162 -6.81 8.18 -21.63
CA ASN C 162 -6.23 9.27 -20.81
C ASN C 162 -5.12 8.81 -19.88
N SER C 163 -4.35 9.75 -19.36
CA SER C 163 -3.18 9.41 -18.54
C SER C 163 -2.81 10.66 -17.77
N TRP C 164 -2.66 10.51 -16.46
CA TRP C 164 -2.53 11.62 -15.55
C TRP C 164 -1.21 11.48 -14.81
N THR C 165 -0.44 12.58 -14.73
CA THR C 165 0.81 12.59 -13.97
C THR C 165 0.42 12.81 -12.53
N ASP C 166 1.37 12.49 -11.65
CA ASP C 166 1.18 12.76 -10.25
C ASP C 166 1.46 14.24 -9.99
N GLN C 167 0.95 14.73 -8.86
CA GLN C 167 1.01 16.14 -8.58
C GLN C 167 2.45 16.62 -8.67
N ASP C 168 2.68 17.69 -9.39
CA ASP C 168 4.01 18.09 -9.71
C ASP C 168 4.77 18.45 -8.46
N SER C 169 6.01 17.99 -8.33
CA SER C 169 6.77 18.30 -7.15
C SER C 169 7.19 19.76 -7.04
N LYS C 170 7.28 20.53 -8.13
CA LYS C 170 7.75 21.93 -8.07
C LYS C 170 6.63 22.91 -7.95
N ASP C 171 5.56 22.76 -8.74
CA ASP C 171 4.40 23.72 -8.76
C ASP C 171 3.06 23.19 -8.29
N SER C 172 2.96 21.91 -7.94
CA SER C 172 1.72 21.32 -7.42
C SER C 172 0.48 21.33 -8.35
N THR C 173 0.75 21.29 -9.65
CA THR C 173 -0.24 21.12 -10.68
C THR C 173 -0.29 19.67 -11.13
N TYR C 174 -1.20 19.39 -12.06
CA TYR C 174 -1.41 18.07 -12.67
C TYR C 174 -1.40 18.24 -14.17
N SER C 175 -1.15 17.17 -14.89
CA SER C 175 -1.15 17.22 -16.33
C SER C 175 -1.72 15.92 -16.84
N MET C 176 -2.05 15.92 -18.11
CA MET C 176 -2.75 14.82 -18.75
C MET C 176 -2.47 14.76 -20.24
N SER C 177 -2.18 13.54 -20.74
CA SER C 177 -2.33 13.25 -22.16
C SER C 177 -3.67 12.53 -22.38
N SER C 178 -4.39 12.94 -23.43
CA SER C 178 -5.53 12.22 -23.91
C SER C 178 -5.19 11.85 -25.34
N THR C 179 -5.31 10.58 -25.68
CA THR C 179 -4.85 10.04 -26.96
C THR C 179 -6.03 9.40 -27.63
N LEU C 180 -6.25 9.79 -28.87
CA LEU C 180 -7.25 9.16 -29.71
C LEU C 180 -6.58 8.25 -30.76
N THR C 181 -6.87 6.97 -30.65
CA THR C 181 -6.42 5.98 -31.61
C THR C 181 -7.50 5.62 -32.64
N LEU C 182 -7.14 5.78 -33.92
CA LEU C 182 -8.02 5.58 -35.08
C LEU C 182 -7.31 4.72 -36.09
N THR C 183 -8.08 4.08 -36.96
CA THR C 183 -7.50 3.41 -38.12
C THR C 183 -7.14 4.52 -39.10
N LYS C 184 -6.11 4.30 -39.89
CA LYS C 184 -5.72 5.28 -40.86
C LYS C 184 -6.87 5.62 -41.82
N ASP C 185 -7.63 4.61 -42.21
CA ASP C 185 -8.76 4.74 -43.13
C ASP C 185 -9.88 5.60 -42.56
N GLU C 186 -10.24 5.41 -41.29
CA GLU C 186 -11.23 6.28 -40.69
C GLU C 186 -10.69 7.68 -40.41
N TYR C 187 -9.39 7.79 -40.15
CA TYR C 187 -8.76 9.11 -40.03
C TYR C 187 -8.91 9.90 -41.31
N GLU C 188 -8.71 9.24 -42.44
CA GLU C 188 -8.82 9.86 -43.77
C GLU C 188 -10.22 10.14 -44.21
N ARG C 189 -11.22 9.60 -43.51
CA ARG C 189 -12.63 9.93 -43.73
C ARG C 189 -13.01 11.30 -43.27
N HIS C 190 -12.65 11.68 -42.05
CA HIS C 190 -13.04 12.98 -41.48
C HIS C 190 -11.92 14.03 -41.60
N ASN C 191 -12.26 15.33 -41.51
CA ASN C 191 -11.28 16.40 -41.72
C ASN C 191 -10.93 17.20 -40.49
N SER C 192 -11.91 17.60 -39.69
CA SER C 192 -11.64 18.49 -38.51
C SER C 192 -11.48 17.67 -37.22
N TYR C 193 -10.33 17.81 -36.56
CA TYR C 193 -10.05 17.13 -35.29
C TYR C 193 -9.88 18.10 -34.11
N THR C 194 -10.67 17.92 -33.06
CA THR C 194 -10.80 18.92 -32.02
C THR C 194 -10.84 18.35 -30.63
N CYS C 195 -9.90 18.84 -29.84
CA CYS C 195 -9.74 18.48 -28.46
C CYS C 195 -10.31 19.66 -27.66
N GLU C 196 -11.23 19.37 -26.76
CA GLU C 196 -11.96 20.40 -26.04
C GLU C 196 -11.90 20.12 -24.53
N ALA C 197 -11.27 21.01 -23.78
CA ALA C 197 -11.09 20.83 -22.35
C ALA C 197 -11.98 21.77 -21.54
N THR C 198 -12.73 21.22 -20.57
CA THR C 198 -13.48 22.05 -19.60
C THR C 198 -12.85 21.89 -18.22
N HIS C 199 -12.40 23.03 -17.67
CA HIS C 199 -11.69 23.11 -16.38
C HIS C 199 -12.22 24.26 -15.57
N LYS C 200 -12.32 24.01 -14.28
CA LYS C 200 -12.84 24.93 -13.29
C LYS C 200 -12.45 26.42 -13.50
N THR C 201 -11.22 26.70 -13.93
CA THR C 201 -10.72 28.08 -14.11
C THR C 201 -11.53 28.88 -15.11
N SER C 202 -11.72 28.35 -16.31
CA SER C 202 -12.53 29.06 -17.31
C SER C 202 -13.96 28.54 -17.33
N THR C 203 -14.86 29.41 -17.72
CA THR C 203 -16.22 29.01 -17.99
C THR C 203 -16.29 28.40 -19.41
N SER C 204 -15.77 29.12 -20.41
CA SER C 204 -15.78 28.67 -21.81
C SER C 204 -14.73 27.55 -21.93
N PRO C 205 -15.11 26.41 -22.53
CA PRO C 205 -14.10 25.35 -22.66
C PRO C 205 -13.02 25.73 -23.67
N ILE C 206 -11.78 25.29 -23.41
CA ILE C 206 -10.63 25.61 -24.27
C ILE C 206 -10.63 24.64 -25.47
N VAL C 207 -10.68 25.20 -26.69
CA VAL C 207 -10.86 24.44 -27.95
C VAL C 207 -9.62 24.49 -28.84
N LYS C 208 -8.83 23.43 -28.87
CA LYS C 208 -7.72 23.31 -29.82
C LYS C 208 -8.03 22.28 -30.89
N SER C 209 -7.72 22.63 -32.14
CA SER C 209 -8.03 21.81 -33.29
C SER C 209 -7.04 21.96 -34.47
N PHE C 210 -7.24 21.10 -35.45
CA PHE C 210 -6.45 21.06 -36.67
C PHE C 210 -7.29 20.43 -37.72
N ASN C 211 -6.84 20.62 -38.95
CA ASN C 211 -7.53 20.09 -40.11
C ASN C 211 -6.56 19.15 -40.76
N ARG C 212 -7.09 17.99 -41.18
CA ARG C 212 -6.29 16.89 -41.66
C ARG C 212 -5.45 17.30 -42.87
N ASN C 213 -6.02 18.08 -43.77
CA ASN C 213 -5.19 18.86 -44.72
C ASN C 213 -5.53 20.34 -44.64
N GLU C 214 -4.54 21.10 -44.19
CA GLU C 214 -4.54 22.53 -44.27
C GLU C 214 -3.40 22.84 -45.18
#